data_4U00
#
_entry.id   4U00
#
_cell.length_a   32.107
_cell.length_b   81.370
_cell.length_c   49.338
_cell.angle_alpha   90.00
_cell.angle_beta   104.48
_cell.angle_gamma   90.00
#
_symmetry.space_group_name_H-M   'P 1 21 1'
#
loop_
_entity.id
_entity.type
_entity.pdbx_description
1 polymer 'Amino acid ABC transporter, ATP-binding protein'
2 non-polymer "ADENOSINE-5'-DIPHOSPHATE"
3 non-polymer 'CHLORIDE ION'
4 non-polymer 'MAGNESIUM ION'
5 water water
#
_entity_poly.entity_id   1
_entity_poly.type   'polypeptide(L)'
_entity_poly.pdbx_seq_one_letter_code
;MEPIIRIRNLHKWFGPLHVLKGIHLEVAPGEKLVIIGPSGSGKSTLIRTINRLEDFQEGEVVVDGLSVKDDRALREIRRE
VGMVFQQFNLFPHMTVLENVTLAPMRVRRWPREKAEKKALELLERVGILDQARKYPAQLSGGQQQRVAIARALAMEPKIM
LFDEPTSALDPEMVGEVLDVMRDLAQGGMTMVVVTHEMGFAREVADRVVFMDGGQIVEEGRPEEIFTRPKEERTRSFLQR
VLHH
;
_entity_poly.pdbx_strand_id   A
#
loop_
_chem_comp.id
_chem_comp.type
_chem_comp.name
_chem_comp.formula
ADP non-polymer ADENOSINE-5'-DIPHOSPHATE 'C10 H15 N5 O10 P2'
CL non-polymer 'CHLORIDE ION' 'Cl -1'
MG non-polymer 'MAGNESIUM ION' 'Mg 2'
#
# COMPACT_ATOMS: atom_id res chain seq x y z
N PRO A 3 16.17 -2.52 -9.26
CA PRO A 3 15.13 -2.36 -8.23
C PRO A 3 13.77 -2.81 -8.76
N ILE A 4 12.89 -3.19 -7.85
CA ILE A 4 11.63 -3.81 -8.24
C ILE A 4 10.60 -2.75 -8.67
N ILE A 5 10.75 -1.52 -8.18
CA ILE A 5 10.00 -0.40 -8.71
C ILE A 5 10.98 0.67 -9.16
N ARG A 6 10.86 1.12 -10.41
CA ARG A 6 11.76 2.14 -10.93
C ARG A 6 10.96 3.28 -11.54
N ILE A 7 11.07 4.46 -10.92
CA ILE A 7 10.36 5.65 -11.40
C ILE A 7 11.36 6.75 -11.72
N ARG A 8 11.36 7.21 -12.97
CA ARG A 8 12.27 8.29 -13.32
C ARG A 8 11.50 9.46 -13.91
N ASN A 9 11.78 10.65 -13.39
CA ASN A 9 11.23 11.92 -13.90
C ASN A 9 9.70 11.88 -14.15
N LEU A 10 8.96 11.41 -13.15
CA LEU A 10 7.53 11.28 -13.27
C LEU A 10 6.81 12.62 -13.18
N HIS A 11 6.08 12.97 -14.24
CA HIS A 11 5.24 14.16 -14.19
C HIS A 11 3.77 13.81 -14.48
N LYS A 12 2.89 14.47 -13.74
CA LYS A 12 1.49 14.13 -13.80
C LYS A 12 0.66 15.39 -13.63
N TRP A 13 -0.28 15.56 -14.55
CA TRP A 13 -1.24 16.66 -14.52
C TRP A 13 -2.66 16.10 -14.38
N PHE A 14 -3.43 16.68 -13.46
CA PHE A 14 -4.89 16.54 -13.46
C PHE A 14 -5.44 17.83 -14.02
N GLY A 15 -5.90 17.83 -15.26
CA GLY A 15 -6.24 19.06 -15.94
C GLY A 15 -5.05 19.99 -15.88
N PRO A 16 -5.27 21.21 -15.37
CA PRO A 16 -4.19 22.21 -15.27
C PRO A 16 -3.28 22.01 -14.06
N LEU A 17 -3.63 21.09 -13.16
CA LEU A 17 -2.89 20.91 -11.93
C LEU A 17 -1.69 19.95 -12.07
N HIS A 18 -0.50 20.51 -11.94
CA HIS A 18 0.76 19.76 -11.93
C HIS A 18 0.81 19.08 -10.57
N VAL A 19 0.38 17.81 -10.49
CA VAL A 19 0.31 17.12 -9.19
C VAL A 19 1.58 16.36 -8.81
N LEU A 20 2.26 15.78 -9.78
CA LEU A 20 3.52 15.11 -9.53
C LEU A 20 4.60 15.79 -10.34
N LYS A 21 5.69 16.18 -9.69
CA LYS A 21 6.62 17.13 -10.30
C LYS A 21 8.04 16.61 -10.52
N GLY A 22 8.17 15.53 -11.26
CA GLY A 22 9.48 14.99 -11.61
C GLY A 22 10.04 14.08 -10.55
N ILE A 23 9.20 13.18 -10.03
CA ILE A 23 9.65 12.24 -8.99
C ILE A 23 10.64 11.20 -9.53
N HIS A 24 11.72 10.98 -8.76
CA HIS A 24 12.57 9.84 -8.98
C HIS A 24 12.41 8.91 -7.78
N LEU A 25 12.21 7.63 -8.02
CA LEU A 25 12.06 6.69 -6.91
C LEU A 25 12.49 5.29 -7.33
N GLU A 26 13.44 4.71 -6.61
CA GLU A 26 13.93 3.36 -6.90
C GLU A 26 13.79 2.50 -5.64
N VAL A 27 12.85 1.56 -5.70
CA VAL A 27 12.52 0.71 -4.55
C VAL A 27 13.10 -0.69 -4.72
N ALA A 28 13.98 -1.08 -3.80
CA ALA A 28 14.58 -2.40 -3.81
C ALA A 28 13.58 -3.51 -3.49
N PRO A 29 13.83 -4.71 -4.01
CA PRO A 29 13.04 -5.89 -3.62
C PRO A 29 13.18 -6.14 -2.12
N GLY A 30 12.07 -6.34 -1.42
CA GLY A 30 12.14 -6.60 0.01
C GLY A 30 12.06 -5.34 0.85
N GLU A 31 12.18 -4.18 0.18
CA GLU A 31 12.16 -2.89 0.85
C GLU A 31 10.83 -2.59 1.56
N LYS A 32 10.93 -2.01 2.76
CA LYS A 32 9.76 -1.45 3.43
C LYS A 32 9.89 0.05 3.30
N LEU A 33 9.13 0.61 2.37
CA LEU A 33 9.19 2.04 2.10
C LEU A 33 7.95 2.72 2.69
N VAL A 34 8.16 3.73 3.53
CA VAL A 34 7.05 4.50 4.08
C VAL A 34 7.01 5.93 3.51
N ILE A 35 5.83 6.34 3.06
CA ILE A 35 5.67 7.65 2.47
C ILE A 35 4.79 8.49 3.39
N ILE A 36 5.25 9.69 3.72
CA ILE A 36 4.50 10.56 4.60
C ILE A 36 4.39 11.95 4.00
N GLY A 37 3.47 12.75 4.53
CA GLY A 37 3.31 14.11 4.06
C GLY A 37 1.87 14.58 4.12
N PRO A 38 1.67 15.91 4.07
CA PRO A 38 0.34 16.51 4.26
C PRO A 38 -0.61 16.01 3.19
N SER A 39 -1.89 15.96 3.55
CA SER A 39 -2.90 15.59 2.56
C SER A 39 -2.81 16.58 1.41
N GLY A 40 -3.00 16.08 0.21
CA GLY A 40 -2.87 16.91 -0.97
C GLY A 40 -1.48 16.94 -1.56
N SER A 41 -0.49 16.41 -0.87
CA SER A 41 0.88 16.44 -1.39
C SER A 41 1.09 15.54 -2.60
N GLY A 42 0.22 14.56 -2.80
CA GLY A 42 0.31 13.72 -3.99
C GLY A 42 0.66 12.26 -3.73
N LYS A 43 0.56 11.84 -2.47
CA LYS A 43 0.91 10.48 -2.08
C LYS A 43 0.05 9.40 -2.74
N SER A 44 -1.26 9.55 -2.68
CA SER A 44 -2.16 8.56 -3.28
C SER A 44 -1.94 8.49 -4.78
N THR A 45 -1.74 9.65 -5.41
CA THR A 45 -1.56 9.69 -6.85
C THR A 45 -0.31 8.89 -7.25
N LEU A 46 0.77 9.10 -6.49
CA LEU A 46 2.03 8.40 -6.77
C LEU A 46 1.87 6.89 -6.64
N ILE A 47 1.31 6.40 -5.54
CA ILE A 47 1.20 4.96 -5.46
C ILE A 47 0.20 4.39 -6.47
N ARG A 48 -0.81 5.19 -6.82
CA ARG A 48 -1.73 4.77 -7.88
C ARG A 48 -1.06 4.64 -9.28
N THR A 49 0.03 5.36 -9.54
CA THR A 49 0.71 5.14 -10.82
C THR A 49 1.41 3.79 -10.85
N ILE A 50 1.80 3.30 -9.68
CA ILE A 50 2.55 2.04 -9.60
C ILE A 50 1.73 0.82 -10.08
N ASN A 51 0.46 0.74 -9.69
CA ASN A 51 -0.39 -0.35 -10.17
C ASN A 51 -1.34 0.08 -11.28
N ARG A 52 -0.94 1.13 -12.00
CA ARG A 52 -1.63 1.56 -13.21
C ARG A 52 -3.09 1.95 -12.96
N LEU A 53 -3.35 2.58 -11.82
CA LEU A 53 -4.67 3.17 -11.55
C LEU A 53 -4.68 4.64 -11.95
N GLU A 54 -3.51 5.15 -12.30
CA GLU A 54 -3.40 6.52 -12.79
C GLU A 54 -2.33 6.51 -13.86
N ASP A 55 -2.59 7.20 -14.96
CA ASP A 55 -1.55 7.38 -15.96
C ASP A 55 -0.85 8.72 -15.72
N PHE A 56 0.08 9.06 -16.59
CA PHE A 56 0.91 10.25 -16.41
C PHE A 56 1.46 10.64 -17.78
N GLN A 57 1.86 11.90 -17.93
CA GLN A 57 2.29 12.39 -19.26
C GLN A 57 3.81 12.44 -19.49
N GLU A 58 4.60 12.52 -18.42
CA GLU A 58 6.07 12.51 -18.56
C GLU A 58 6.73 11.50 -17.61
N GLY A 59 7.80 10.86 -18.08
CA GLY A 59 8.61 10.00 -17.24
C GLY A 59 8.39 8.53 -17.48
N GLU A 60 9.00 7.72 -16.63
CA GLU A 60 8.88 6.28 -16.75
C GLU A 60 8.53 5.62 -15.42
N VAL A 61 7.69 4.60 -15.47
CA VAL A 61 7.35 3.83 -14.28
C VAL A 61 7.44 2.36 -14.64
N VAL A 62 8.39 1.68 -14.01
CA VAL A 62 8.73 0.31 -14.34
C VAL A 62 8.64 -0.52 -13.08
N VAL A 63 7.88 -1.63 -13.16
CA VAL A 63 7.64 -2.50 -12.02
C VAL A 63 8.05 -3.92 -12.36
N ASP A 64 9.03 -4.46 -11.62
CA ASP A 64 9.55 -5.80 -11.88
C ASP A 64 10.01 -5.91 -13.34
N GLY A 65 10.65 -4.85 -13.82
CA GLY A 65 11.21 -4.83 -15.17
C GLY A 65 10.20 -4.66 -16.29
N LEU A 66 8.99 -4.21 -15.95
CA LEU A 66 7.94 -3.99 -16.95
C LEU A 66 7.45 -2.56 -16.88
N SER A 67 7.39 -1.90 -18.03
CA SER A 67 6.83 -0.55 -18.09
C SER A 67 5.34 -0.61 -17.81
N VAL A 68 4.90 0.28 -16.93
CA VAL A 68 3.49 0.36 -16.56
C VAL A 68 2.64 0.81 -17.75
N LYS A 69 3.26 1.52 -18.69
CA LYS A 69 2.58 2.05 -19.88
C LYS A 69 2.50 1.01 -21.01
N ASP A 70 3.17 -0.12 -20.82
CA ASP A 70 3.09 -1.24 -21.76
C ASP A 70 1.73 -1.88 -21.60
N ASP A 71 0.91 -1.81 -22.64
CA ASP A 71 -0.43 -2.40 -22.59
C ASP A 71 -0.38 -3.91 -22.35
N ARG A 72 0.70 -4.54 -22.79
CA ARG A 72 0.90 -5.98 -22.62
C ARG A 72 1.26 -6.38 -21.20
N ALA A 73 1.53 -5.38 -20.36
CA ALA A 73 1.93 -5.63 -18.99
C ALA A 73 0.79 -5.38 -18.02
N LEU A 74 -0.20 -4.61 -18.48
CA LEU A 74 -1.33 -4.21 -17.64
C LEU A 74 -2.22 -5.36 -17.14
N ARG A 75 -1.63 -6.55 -17.03
CA ARG A 75 -2.30 -7.72 -16.47
C ARG A 75 -1.32 -8.43 -15.54
N GLU A 76 -0.06 -8.47 -15.94
CA GLU A 76 0.99 -9.05 -15.11
C GLU A 76 1.25 -8.11 -13.95
N ILE A 77 1.14 -6.82 -14.23
CA ILE A 77 1.30 -5.79 -13.21
C ILE A 77 0.27 -5.96 -12.10
N ARG A 78 -0.95 -6.34 -12.44
CA ARG A 78 -1.98 -6.48 -11.43
C ARG A 78 -1.90 -7.81 -10.71
N ARG A 79 -1.25 -8.79 -11.33
CA ARG A 79 -1.03 -10.07 -10.66
C ARG A 79 0.03 -9.96 -9.56
N GLU A 80 1.05 -9.14 -9.80
CA GLU A 80 2.17 -9.09 -8.87
C GLU A 80 2.15 -7.90 -7.95
N VAL A 81 1.14 -7.04 -8.11
CA VAL A 81 0.99 -5.89 -7.21
C VAL A 81 -0.36 -5.89 -6.48
N GLY A 82 -0.33 -5.94 -5.16
CA GLY A 82 -1.55 -5.90 -4.39
C GLY A 82 -1.75 -4.50 -3.85
N MET A 83 -2.99 -4.14 -3.56
CA MET A 83 -3.25 -2.85 -2.96
C MET A 83 -4.33 -2.90 -1.87
N VAL A 84 -4.07 -2.18 -0.79
CA VAL A 84 -5.04 -1.94 0.26
C VAL A 84 -5.31 -0.44 0.32
N PHE A 85 -6.58 -0.06 0.21
CA PHE A 85 -6.99 1.35 0.23
C PHE A 85 -7.55 1.68 1.60
N GLN A 86 -7.79 2.96 1.85
CA GLN A 86 -8.37 3.35 3.14
C GLN A 86 -9.85 2.93 3.24
N GLN A 87 -10.49 2.79 2.08
CA GLN A 87 -11.85 2.30 2.04
C GLN A 87 -11.84 0.81 1.72
N PHE A 88 -12.65 0.06 2.45
CA PHE A 88 -12.81 -1.36 2.11
C PHE A 88 -13.95 -1.49 1.10
N ASN A 89 -13.69 -2.27 0.07
CA ASN A 89 -14.66 -2.56 -0.97
C ASN A 89 -14.83 -4.06 -1.04
N LEU A 90 -15.38 -4.60 0.04
CA LEU A 90 -15.73 -6.01 0.12
C LEU A 90 -17.07 -6.26 -0.56
N PHE A 91 -17.23 -7.45 -1.14
CA PHE A 91 -18.53 -7.84 -1.68
C PHE A 91 -19.45 -8.15 -0.51
N PRO A 92 -20.52 -7.37 -0.36
CA PRO A 92 -21.40 -7.48 0.82
C PRO A 92 -22.14 -8.82 0.90
N HIS A 93 -22.40 -9.48 -0.23
CA HIS A 93 -23.14 -10.73 -0.19
C HIS A 93 -22.28 -11.97 -0.43
N MET A 94 -20.98 -11.80 -0.20
CA MET A 94 -20.07 -12.93 -0.11
C MET A 94 -19.49 -12.99 1.29
N THR A 95 -19.23 -14.19 1.79
CA THR A 95 -18.55 -14.32 3.07
C THR A 95 -17.13 -13.77 2.96
N VAL A 96 -16.52 -13.55 4.12
CA VAL A 96 -15.13 -13.20 4.24
C VAL A 96 -14.27 -14.12 3.37
N LEU A 97 -14.41 -15.43 3.60
CA LEU A 97 -13.71 -16.44 2.81
C LEU A 97 -13.93 -16.29 1.31
N GLU A 98 -15.17 -16.11 0.88
CA GLU A 98 -15.46 -15.96 -0.53
C GLU A 98 -14.81 -14.70 -1.10
N ASN A 99 -14.83 -13.62 -0.32
CA ASN A 99 -14.13 -12.41 -0.71
C ASN A 99 -12.64 -12.63 -0.98
N VAL A 100 -12.02 -13.50 -0.18
CA VAL A 100 -10.59 -13.74 -0.30
C VAL A 100 -10.22 -14.66 -1.48
N THR A 101 -11.04 -15.69 -1.74
CA THR A 101 -10.70 -16.67 -2.76
C THR A 101 -11.09 -16.25 -4.17
N LEU A 102 -11.89 -15.21 -4.30
CA LEU A 102 -12.47 -14.82 -5.59
C LEU A 102 -11.42 -14.58 -6.67
N ALA A 103 -10.51 -13.64 -6.43
CA ALA A 103 -9.48 -13.30 -7.40
C ALA A 103 -8.53 -14.47 -7.71
N PRO A 104 -8.01 -15.17 -6.67
CA PRO A 104 -7.19 -16.33 -7.00
C PRO A 104 -7.92 -17.38 -7.86
N MET A 105 -9.24 -17.47 -7.71
CA MET A 105 -10.03 -18.36 -8.56
C MET A 105 -10.30 -17.73 -9.94
N ARG A 106 -10.75 -16.47 -10.00
CA ARG A 106 -10.99 -15.82 -11.28
C ARG A 106 -9.71 -15.58 -12.07
N VAL A 107 -8.72 -14.96 -11.42
CA VAL A 107 -7.49 -14.51 -12.09
C VAL A 107 -6.45 -15.61 -12.26
N ARG A 108 -6.16 -16.34 -11.19
CA ARG A 108 -5.10 -17.36 -11.25
C ARG A 108 -5.65 -18.74 -11.60
N ARG A 109 -6.96 -18.80 -11.81
CA ARG A 109 -7.66 -20.05 -12.10
C ARG A 109 -7.30 -21.20 -11.16
N TRP A 110 -7.12 -20.86 -9.89
CA TRP A 110 -6.88 -21.86 -8.84
C TRP A 110 -8.15 -22.64 -8.55
N PRO A 111 -8.01 -23.95 -8.38
CA PRO A 111 -9.15 -24.74 -7.91
C PRO A 111 -9.52 -24.22 -6.53
N ARG A 112 -10.82 -24.19 -6.26
CA ARG A 112 -11.37 -23.74 -4.99
C ARG A 112 -10.70 -24.34 -3.74
N GLU A 113 -10.32 -25.62 -3.80
CA GLU A 113 -9.69 -26.25 -2.62
C GLU A 113 -8.33 -25.65 -2.35
N LYS A 114 -7.61 -25.30 -3.42
CA LYS A 114 -6.32 -24.66 -3.30
C LYS A 114 -6.53 -23.23 -2.81
N ALA A 115 -7.51 -22.55 -3.41
CA ALA A 115 -7.83 -21.17 -3.06
C ALA A 115 -8.24 -21.05 -1.60
N GLU A 116 -9.07 -21.97 -1.13
CA GLU A 116 -9.56 -21.89 0.23
C GLU A 116 -8.49 -22.24 1.25
N LYS A 117 -7.67 -23.22 0.93
CA LYS A 117 -6.57 -23.58 1.82
C LYS A 117 -5.65 -22.38 2.06
N LYS A 118 -5.33 -21.66 1.00
CA LYS A 118 -4.47 -20.48 1.15
C LYS A 118 -5.18 -19.35 1.87
N ALA A 119 -6.45 -19.13 1.52
CA ALA A 119 -7.26 -18.09 2.15
C ALA A 119 -7.34 -18.32 3.64
N LEU A 120 -7.59 -19.56 4.04
CA LEU A 120 -7.73 -19.88 5.46
C LEU A 120 -6.45 -19.61 6.24
N GLU A 121 -5.30 -19.97 5.66
CA GLU A 121 -4.01 -19.72 6.30
C GLU A 121 -3.77 -18.23 6.42
N LEU A 122 -4.14 -17.49 5.38
CA LEU A 122 -4.03 -16.04 5.39
C LEU A 122 -4.93 -15.41 6.45
N LEU A 123 -6.16 -15.92 6.56
CA LEU A 123 -7.10 -15.36 7.54
C LEU A 123 -6.58 -15.58 8.96
N GLU A 124 -6.02 -16.76 9.20
CA GLU A 124 -5.41 -17.04 10.49
C GLU A 124 -4.21 -16.12 10.74
N ARG A 125 -3.43 -15.89 9.68
CA ARG A 125 -2.27 -15.01 9.75
C ARG A 125 -2.63 -13.60 10.21
N VAL A 126 -3.75 -13.07 9.72
CA VAL A 126 -4.12 -11.71 10.09
C VAL A 126 -5.13 -11.65 11.24
N GLY A 127 -5.37 -12.80 11.87
CA GLY A 127 -6.14 -12.85 13.11
C GLY A 127 -7.65 -12.96 13.03
N ILE A 128 -8.19 -13.38 11.89
CA ILE A 128 -9.65 -13.36 11.71
C ILE A 128 -10.22 -14.65 11.10
N LEU A 129 -9.55 -15.77 11.38
CA LEU A 129 -10.03 -17.08 10.95
C LEU A 129 -11.45 -17.32 11.45
N ASP A 130 -11.71 -16.90 12.69
CA ASP A 130 -13.04 -17.02 13.28
C ASP A 130 -14.13 -16.32 12.46
N GLN A 131 -13.75 -15.36 11.62
CA GLN A 131 -14.73 -14.61 10.84
C GLN A 131 -14.91 -15.15 9.43
N ALA A 132 -14.23 -16.26 9.15
CA ALA A 132 -14.17 -16.83 7.80
C ALA A 132 -15.53 -16.95 7.12
N ARG A 133 -16.55 -17.38 7.86
CA ARG A 133 -17.86 -17.56 7.24
C ARG A 133 -18.86 -16.49 7.63
N LYS A 134 -18.36 -15.35 8.11
CA LYS A 134 -19.21 -14.18 8.34
C LYS A 134 -19.30 -13.34 7.08
N TYR A 135 -20.28 -12.45 7.06
CA TYR A 135 -20.42 -11.47 6.00
C TYR A 135 -19.85 -10.15 6.45
N PRO A 136 -19.32 -9.36 5.50
CA PRO A 136 -18.60 -8.11 5.80
C PRO A 136 -19.33 -7.18 6.76
N ALA A 137 -20.66 -7.17 6.69
CA ALA A 137 -21.45 -6.24 7.49
C ALA A 137 -21.48 -6.62 8.97
N GLN A 138 -21.10 -7.85 9.27
CA GLN A 138 -21.05 -8.30 10.66
C GLN A 138 -19.71 -7.97 11.30
N LEU A 139 -18.77 -7.47 10.50
CA LEU A 139 -17.42 -7.22 11.00
C LEU A 139 -17.22 -5.75 11.33
N SER A 140 -16.32 -5.50 12.27
CA SER A 140 -15.93 -4.14 12.62
C SER A 140 -15.02 -3.59 11.54
N GLY A 141 -14.72 -2.31 11.64
CA GLY A 141 -13.82 -1.65 10.70
C GLY A 141 -12.44 -2.27 10.73
N GLY A 142 -11.96 -2.58 11.94
CA GLY A 142 -10.67 -3.25 12.10
C GLY A 142 -10.62 -4.60 11.40
N GLN A 143 -11.70 -5.37 11.52
CA GLN A 143 -11.73 -6.71 10.90
C GLN A 143 -11.86 -6.64 9.39
N GLN A 144 -12.74 -5.78 8.90
CA GLN A 144 -12.94 -5.61 7.47
C GLN A 144 -11.65 -5.22 6.75
N GLN A 145 -10.88 -4.30 7.32
CA GLN A 145 -9.63 -3.90 6.69
C GLN A 145 -8.63 -5.06 6.67
N ARG A 146 -8.65 -5.88 7.71
CA ARG A 146 -7.79 -7.05 7.72
C ARG A 146 -8.21 -8.11 6.68
N VAL A 147 -9.51 -8.18 6.39
CA VAL A 147 -9.98 -9.02 5.30
C VAL A 147 -9.42 -8.49 3.98
N ALA A 148 -9.43 -7.17 3.81
CA ALA A 148 -8.93 -6.56 2.58
C ALA A 148 -7.45 -6.86 2.40
N ILE A 149 -6.70 -6.87 3.50
CA ILE A 149 -5.28 -7.21 3.44
C ILE A 149 -5.05 -8.67 3.06
N ALA A 150 -5.79 -9.58 3.71
CA ALA A 150 -5.79 -11.00 3.36
C ALA A 150 -6.15 -11.20 1.90
N ARG A 151 -7.18 -10.50 1.43
CA ARG A 151 -7.57 -10.61 0.03
C ARG A 151 -6.42 -10.22 -0.92
N ALA A 152 -5.75 -9.12 -0.61
CA ALA A 152 -4.65 -8.66 -1.45
C ALA A 152 -3.51 -9.66 -1.47
N LEU A 153 -3.21 -10.23 -0.31
CA LEU A 153 -2.09 -11.17 -0.17
C LEU A 153 -2.42 -12.52 -0.81
N ALA A 154 -3.71 -12.83 -0.90
CA ALA A 154 -4.14 -14.11 -1.45
C ALA A 154 -3.69 -14.28 -2.91
N MET A 155 -3.48 -13.16 -3.62
CA MET A 155 -3.04 -13.19 -5.01
C MET A 155 -1.56 -13.51 -5.10
N GLU A 156 -0.92 -13.55 -3.94
CA GLU A 156 0.53 -13.77 -3.81
C GLU A 156 1.40 -12.78 -4.61
N PRO A 157 1.22 -11.47 -4.38
CA PRO A 157 1.95 -10.48 -5.17
C PRO A 157 3.40 -10.37 -4.70
N LYS A 158 4.26 -9.71 -5.47
CA LYS A 158 5.62 -9.42 -5.03
C LYS A 158 5.64 -8.09 -4.27
N ILE A 159 4.61 -7.28 -4.51
CA ILE A 159 4.56 -5.93 -3.96
C ILE A 159 3.21 -5.66 -3.34
N MET A 160 3.22 -5.11 -2.12
CA MET A 160 1.99 -4.70 -1.46
C MET A 160 2.04 -3.20 -1.23
N LEU A 161 1.04 -2.51 -1.77
CA LEU A 161 0.87 -1.08 -1.55
C LEU A 161 -0.23 -0.84 -0.54
N PHE A 162 0.05 -0.03 0.48
CA PHE A 162 -0.96 0.32 1.46
C PHE A 162 -1.16 1.83 1.44
N ASP A 163 -2.33 2.30 0.99
CA ASP A 163 -2.61 3.73 1.01
C ASP A 163 -3.41 4.13 2.26
N GLU A 164 -2.72 4.51 3.33
CA GLU A 164 -3.35 4.92 4.59
C GLU A 164 -4.50 4.00 5.00
N PRO A 165 -4.23 2.70 5.13
CA PRO A 165 -5.30 1.74 5.45
C PRO A 165 -6.03 2.04 6.77
N THR A 166 -5.42 2.75 7.71
CA THR A 166 -6.08 3.01 8.99
C THR A 166 -6.74 4.38 9.13
N SER A 167 -6.57 5.23 8.11
CA SER A 167 -7.00 6.62 8.21
C SER A 167 -8.50 6.80 8.39
N ALA A 168 -9.31 5.88 7.85
CA ALA A 168 -10.76 6.02 7.95
C ALA A 168 -11.37 5.20 9.10
N LEU A 169 -10.52 4.57 9.89
CA LEU A 169 -10.99 3.69 10.95
C LEU A 169 -11.16 4.44 12.26
N ASP A 170 -12.13 3.99 13.06
CA ASP A 170 -12.21 4.39 14.45
C ASP A 170 -10.86 4.14 15.13
N PRO A 171 -10.43 5.07 16.00
CA PRO A 171 -9.18 4.98 16.74
C PRO A 171 -8.90 3.61 17.38
N GLU A 172 -9.90 2.96 17.98
CA GLU A 172 -9.65 1.64 18.57
C GLU A 172 -9.46 0.55 17.53
N MET A 173 -9.76 0.86 16.26
CA MET A 173 -9.56 -0.12 15.19
C MET A 173 -8.18 -0.08 14.53
N VAL A 174 -7.41 0.96 14.80
CA VAL A 174 -6.12 1.20 14.13
C VAL A 174 -5.02 0.21 14.50
N GLY A 175 -4.84 -0.04 15.79
CA GLY A 175 -3.75 -0.87 16.26
C GLY A 175 -3.71 -2.28 15.66
N GLU A 176 -4.88 -2.90 15.54
CA GLU A 176 -4.93 -4.27 15.04
C GLU A 176 -4.56 -4.37 13.56
N VAL A 177 -4.87 -3.31 12.80
CA VAL A 177 -4.53 -3.29 11.38
C VAL A 177 -3.03 -3.03 11.24
N LEU A 178 -2.52 -2.06 12.00
CA LEU A 178 -1.08 -1.79 12.03
C LEU A 178 -0.26 -3.01 12.44
N ASP A 179 -0.79 -3.79 13.39
CA ASP A 179 -0.13 -5.03 13.80
C ASP A 179 0.05 -6.01 12.65
N VAL A 180 -0.99 -6.16 11.82
CA VAL A 180 -0.89 -7.01 10.63
C VAL A 180 0.24 -6.50 9.73
N MET A 181 0.34 -5.18 9.57
CA MET A 181 1.40 -4.60 8.74
C MET A 181 2.81 -4.74 9.37
N ARG A 182 2.89 -4.68 10.69
CA ARG A 182 4.14 -4.95 11.39
C ARG A 182 4.61 -6.37 11.12
N ASP A 183 3.67 -7.32 11.17
CA ASP A 183 3.99 -8.72 10.94
C ASP A 183 4.52 -8.94 9.53
N LEU A 184 3.79 -8.42 8.55
CA LEU A 184 4.20 -8.55 7.16
C LEU A 184 5.58 -7.93 6.93
N ALA A 185 5.89 -6.86 7.66
CA ALA A 185 7.18 -6.16 7.51
C ALA A 185 8.36 -6.97 8.04
N GLN A 186 8.07 -8.01 8.82
CA GLN A 186 9.11 -8.90 9.35
C GLN A 186 9.64 -9.80 8.24
N GLY A 187 8.82 -9.99 7.21
CA GLY A 187 9.17 -10.85 6.09
C GLY A 187 9.75 -10.13 4.87
N GLY A 188 9.83 -10.85 3.76
CA GLY A 188 10.52 -10.36 2.57
C GLY A 188 9.65 -9.66 1.54
N MET A 189 8.38 -9.44 1.83
CA MET A 189 7.50 -8.73 0.90
C MET A 189 8.01 -7.29 0.66
N THR A 190 7.96 -6.82 -0.59
CA THR A 190 8.24 -5.40 -0.87
C THR A 190 6.99 -4.65 -0.43
N MET A 191 7.15 -3.65 0.43
CA MET A 191 6.00 -2.90 0.94
C MET A 191 6.15 -1.41 0.74
N VAL A 192 5.13 -0.79 0.18
CA VAL A 192 5.06 0.65 0.12
C VAL A 192 3.82 1.10 0.88
N VAL A 193 4.02 1.81 1.99
CA VAL A 193 2.88 2.25 2.78
C VAL A 193 2.85 3.75 3.01
N VAL A 194 1.71 4.36 2.64
CA VAL A 194 1.44 5.77 2.90
C VAL A 194 0.75 5.83 4.25
N THR A 195 1.22 6.66 5.16
CA THR A 195 0.61 6.68 6.49
C THR A 195 0.87 7.96 7.25
N HIS A 196 0.03 8.23 8.24
CA HIS A 196 0.24 9.32 9.18
C HIS A 196 0.51 8.75 10.57
N GLU A 197 0.66 7.44 10.65
CA GLU A 197 1.01 6.78 11.91
C GLU A 197 2.53 6.70 12.02
N MET A 198 3.09 7.68 12.74
CA MET A 198 4.52 7.94 12.68
C MET A 198 5.35 6.98 13.53
N GLY A 199 4.82 6.58 14.68
CA GLY A 199 5.48 5.59 15.50
C GLY A 199 5.62 4.30 14.69
N PHE A 200 4.51 3.90 14.07
CA PHE A 200 4.53 2.79 13.14
C PHE A 200 5.55 3.03 12.02
N ALA A 201 5.47 4.17 11.35
CA ALA A 201 6.39 4.48 10.26
C ALA A 201 7.83 4.33 10.71
N ARG A 202 8.12 4.81 11.90
CA ARG A 202 9.49 4.82 12.39
C ARG A 202 10.01 3.42 12.71
N GLU A 203 9.14 2.57 13.25
CA GLU A 203 9.57 1.24 13.66
C GLU A 203 9.68 0.23 12.51
N VAL A 204 8.99 0.50 11.39
CA VAL A 204 8.87 -0.49 10.32
C VAL A 204 9.70 -0.15 9.08
N ALA A 205 9.87 1.13 8.81
CA ALA A 205 10.49 1.58 7.56
C ALA A 205 12.00 1.25 7.45
N ASP A 206 12.40 0.76 6.27
CA ASP A 206 13.81 0.83 5.87
C ASP A 206 14.11 2.28 5.56
N ARG A 207 13.12 2.93 4.97
CA ARG A 207 13.31 4.25 4.42
C ARG A 207 12.00 5.01 4.46
N VAL A 208 12.08 6.29 4.81
CA VAL A 208 10.94 7.18 4.86
C VAL A 208 11.09 8.27 3.80
N VAL A 209 10.03 8.46 3.03
CA VAL A 209 10.00 9.45 1.96
C VAL A 209 8.97 10.52 2.32
N PHE A 210 9.39 11.78 2.40
CA PHE A 210 8.48 12.87 2.73
C PHE A 210 8.07 13.65 1.50
N MET A 211 6.78 13.64 1.21
CA MET A 211 6.24 14.38 0.08
C MET A 211 5.54 15.64 0.51
N ASP A 212 5.74 16.69 -0.28
CA ASP A 212 5.03 17.97 -0.15
C ASP A 212 5.00 18.59 -1.54
N GLY A 213 3.87 19.17 -1.91
CA GLY A 213 3.72 19.87 -3.18
C GLY A 213 4.01 19.04 -4.42
N GLY A 214 3.68 17.76 -4.36
CA GLY A 214 3.92 16.88 -5.50
C GLY A 214 5.37 16.53 -5.69
N GLN A 215 6.17 16.71 -4.65
CA GLN A 215 7.60 16.40 -4.72
C GLN A 215 8.08 15.56 -3.56
N ILE A 216 9.04 14.68 -3.82
CA ILE A 216 9.83 14.12 -2.75
C ILE A 216 10.76 15.21 -2.26
N VAL A 217 10.48 15.81 -1.11
CA VAL A 217 11.38 16.85 -0.59
C VAL A 217 12.56 16.29 0.20
N GLU A 218 12.35 15.18 0.89
CA GLU A 218 13.43 14.54 1.63
C GLU A 218 13.15 13.06 1.79
N GLU A 219 14.19 12.26 1.73
CA GLU A 219 14.07 10.84 2.04
C GLU A 219 15.25 10.40 2.90
N GLY A 220 15.13 9.22 3.49
CA GLY A 220 16.22 8.69 4.29
C GLY A 220 15.76 7.63 5.28
N ARG A 221 16.68 7.23 6.14
CA ARG A 221 16.37 6.28 7.18
C ARG A 221 15.43 6.92 8.20
N PRO A 222 14.55 6.12 8.82
CA PRO A 222 13.54 6.66 9.73
C PRO A 222 14.12 7.51 10.87
N GLU A 223 15.22 7.08 11.46
CA GLU A 223 15.80 7.83 12.56
C GLU A 223 16.28 9.21 12.13
N GLU A 224 16.99 9.25 11.00
CA GLU A 224 17.46 10.51 10.42
C GLU A 224 16.31 11.47 10.10
N ILE A 225 15.30 10.98 9.38
CA ILE A 225 14.16 11.82 9.01
C ILE A 225 13.40 12.34 10.22
N PHE A 226 13.20 11.51 11.23
CA PHE A 226 12.43 11.91 12.39
C PHE A 226 13.21 12.72 13.46
N THR A 227 14.52 12.55 13.52
CA THR A 227 15.30 13.24 14.55
C THR A 227 16.43 14.12 14.02
N ARG A 228 16.65 14.10 12.70
CA ARG A 228 17.58 15.05 12.09
C ARG A 228 17.18 15.51 10.67
N PRO A 229 15.91 15.92 10.49
CA PRO A 229 15.47 16.33 9.14
C PRO A 229 16.34 17.42 8.51
N LYS A 230 16.88 17.13 7.33
CA LYS A 230 17.80 18.04 6.65
C LYS A 230 17.08 19.19 5.93
N GLU A 231 15.78 19.05 5.72
CA GLU A 231 14.99 20.01 4.94
C GLU A 231 14.00 20.77 5.83
N GLU A 232 13.79 22.05 5.53
CA GLU A 232 12.93 22.88 6.37
C GLU A 232 11.48 22.42 6.35
N ARG A 233 10.95 22.18 5.15
CA ARG A 233 9.56 21.77 4.97
C ARG A 233 9.30 20.46 5.72
N THR A 234 10.34 19.62 5.81
CA THR A 234 10.28 18.39 6.57
C THR A 234 10.14 18.72 8.06
N ARG A 235 11.08 19.49 8.59
CA ARG A 235 11.02 19.94 9.99
C ARG A 235 9.67 20.60 10.31
N SER A 236 9.19 21.40 9.37
CA SER A 236 7.94 22.08 9.56
C SER A 236 6.76 21.11 9.62
N PHE A 237 6.80 20.07 8.80
CA PHE A 237 5.74 19.08 8.77
C PHE A 237 5.71 18.28 10.05
N LEU A 238 6.90 17.94 10.56
CA LEU A 238 7.01 17.11 11.75
C LEU A 238 6.65 17.85 13.03
N GLN A 239 6.79 19.17 13.02
CA GLN A 239 6.46 19.96 14.21
C GLN A 239 4.95 20.16 14.28
N ARG A 240 4.31 20.04 13.13
CA ARG A 240 2.87 20.22 13.03
C ARG A 240 2.12 18.98 13.48
N VAL A 241 2.71 17.80 13.29
CA VAL A 241 1.97 16.56 13.49
C VAL A 241 2.43 15.67 14.65
N LEU A 242 3.67 15.85 15.11
CA LEU A 242 4.19 15.01 16.20
C LEU A 242 3.89 15.58 17.59
N HIS A 243 3.87 14.69 18.58
CA HIS A 243 3.83 15.00 20.03
C HIS A 243 2.44 15.15 20.64
PB ADP B . -2.68 12.89 -0.89
O1B ADP B . -3.05 11.45 -1.06
O2B ADP B . -3.58 13.58 0.10
O3B ADP B . -1.22 13.17 -0.59
PA ADP B . -3.66 13.00 -3.65
O1A ADP B . -4.94 12.28 -3.33
O2A ADP B . -2.64 12.28 -4.47
O3A ADP B . -2.95 13.62 -2.32
O5' ADP B . -4.06 14.37 -4.40
C5' ADP B . -3.10 15.26 -4.96
C4' ADP B . -3.83 16.47 -5.53
O4' ADP B . -4.49 16.11 -6.75
C3' ADP B . -4.92 17.01 -4.61
O3' ADP B . -4.87 18.44 -4.74
C2' ADP B . -6.22 16.49 -5.18
O2' ADP B . -7.30 17.42 -4.98
C1' ADP B . -5.90 16.35 -6.66
N9 ADP B . -6.55 15.19 -7.31
C8 ADP B . -6.48 13.90 -6.88
N7 ADP B . -7.15 13.09 -7.73
C5 ADP B . -7.66 13.85 -8.72
C6 ADP B . -8.46 13.61 -9.95
N6 ADP B . -8.89 12.36 -10.28
N1 ADP B . -8.76 14.69 -10.71
C2 ADP B . -8.36 15.93 -10.38
N3 ADP B . -7.62 16.22 -9.31
C4 ADP B . -7.25 15.23 -8.44
CL CL C . -2.35 3.80 8.04
MG MG D . 13.92 -5.90 5.95
MG MG E . -4.22 10.07 -0.19
#